data_1LK2
#
_entry.id   1LK2
#
_cell.length_a   135.549
_cell.length_b   87.650
_cell.length_c   45.118
_cell.angle_alpha   90.00
_cell.angle_beta   90.00
_cell.angle_gamma   90.00
#
_symmetry.space_group_name_H-M   'P 21 21 2'
#
loop_
_entity.id
_entity.type
_entity.pdbx_description
1 polymer 'H-2 CLASS I HISTOCOMPATIBILITY ANTIGEN, K-B ALPHA CHAIN'
2 polymer Beta-2-microglobulin
3 polymer 'INSULIN RECEPTOR, BETA-SUBUNIT'
4 branched alpha-L-fucopyranose-(1-6)-2-acetamido-2-deoxy-beta-D-glucopyranose
5 non-polymer 2-acetamido-2-deoxy-beta-D-glucopyranose
6 non-polymer 'PHOSPHATE ION'
7 non-polymer (4S)-2-METHYL-2,4-PENTANEDIOL
8 non-polymer (4R)-2-METHYLPENTANE-2,4-DIOL
9 water water
#
loop_
_entity_poly.entity_id
_entity_poly.type
_entity_poly.pdbx_seq_one_letter_code
_entity_poly.pdbx_strand_id
1 'polypeptide(L)'
;GPHSLRYFVTAVSRPGLGEPRYMEVGYVDDTEFVRFDSDAENPRYEPRARWMEQEGPEYWERETQKAKGNEQSFRVDLRT
LLGYYNQSKGGSHTIQVISGCEVGSDGRLLRGYQQYAYDGCDYIALNEDLKTWTAADMAALITKHKWEQAGEAERLRAYL
EGTCVEWLRRYLKNGNATLLRTDSPKAHVTHHSRPEDKVTLRCWALGFYPADITLTWQLNGEELIQDMELVETRPAGDGT
FQKWASVVVPLGKEQYYTCHVYHQGLPEPLTLRW
;
A
2 'polypeptide(L)'
;IQKTPQIQVYSRHPPENGKPNILNCYVTQFHPPHIEIQMLKNGKKIPKVEMSDMSFSKDWSFYILAHTEFTPTETDTYAC
RVKHDSMAEPKTVYWDRDM
;
B
3 'polypeptide(L)' GNYSFYAL P
#
# COMPACT_ATOMS: atom_id res chain seq x y z
N GLY A 1 12.01 -15.19 -9.62
CA GLY A 1 11.92 -14.97 -8.14
C GLY A 1 10.55 -15.36 -7.67
N PRO A 2 10.29 -15.23 -6.38
CA PRO A 2 8.95 -15.55 -5.89
C PRO A 2 7.96 -14.43 -6.22
N HIS A 3 6.69 -14.77 -6.18
CA HIS A 3 5.65 -13.83 -6.48
C HIS A 3 4.46 -14.01 -5.53
N SER A 4 3.66 -12.95 -5.37
CA SER A 4 2.54 -12.99 -4.45
C SER A 4 1.26 -12.44 -5.06
N LEU A 5 0.15 -12.99 -4.57
CA LEU A 5 -1.21 -12.48 -4.86
C LEU A 5 -1.78 -12.08 -3.51
N ARG A 6 -2.15 -10.81 -3.34
CA ARG A 6 -2.67 -10.30 -2.08
C ARG A 6 -3.92 -9.48 -2.28
N TYR A 7 -4.89 -9.71 -1.44
CA TYR A 7 -6.09 -8.89 -1.39
C TYR A 7 -6.14 -8.20 -0.02
N PHE A 8 -6.35 -6.89 -0.06
CA PHE A 8 -6.57 -6.01 1.10
C PHE A 8 -8.05 -5.66 1.10
N VAL A 9 -8.75 -6.08 2.15
CA VAL A 9 -10.18 -5.90 2.25
C VAL A 9 -10.47 -5.04 3.47
N THR A 10 -11.37 -4.08 3.30
CA THR A 10 -11.71 -3.15 4.38
C THR A 10 -13.21 -2.92 4.43
N ALA A 11 -13.79 -2.99 5.62
CA ALA A 11 -15.20 -2.65 5.82
C ALA A 11 -15.26 -1.65 6.96
N VAL A 12 -15.98 -0.56 6.76
CA VAL A 12 -16.03 0.52 7.76
C VAL A 12 -17.48 0.94 7.98
N SER A 13 -17.96 0.82 9.20
CA SER A 13 -19.33 1.24 9.47
C SER A 13 -19.40 2.75 9.56
N ARG A 14 -20.59 3.28 9.27
CA ARG A 14 -20.84 4.71 9.36
C ARG A 14 -22.26 4.95 9.84
N PRO A 15 -22.45 4.77 11.13
CA PRO A 15 -23.76 4.96 11.73
C PRO A 15 -24.35 6.32 11.38
N GLY A 16 -25.61 6.29 10.97
CA GLY A 16 -26.34 7.47 10.57
C GLY A 16 -26.13 7.86 9.13
N LEU A 17 -25.28 7.14 8.40
CA LEU A 17 -24.93 7.49 7.03
C LEU A 17 -25.09 6.32 6.07
N GLY A 18 -25.91 5.35 6.46
CA GLY A 18 -26.20 4.23 5.60
C GLY A 18 -25.29 3.04 5.80
N GLU A 19 -25.17 2.25 4.75
CA GLU A 19 -24.42 1.02 4.79
C GLU A 19 -22.93 1.26 4.91
N PRO A 20 -22.20 0.29 5.45
CA PRO A 20 -20.76 0.44 5.55
C PRO A 20 -20.07 0.62 4.21
N ARG A 21 -18.93 1.27 4.24
CA ARG A 21 -18.09 1.29 3.06
C ARG A 21 -17.30 -0.01 3.00
N TYR A 22 -17.27 -0.60 1.82
CA TYR A 22 -16.59 -1.86 1.59
C TYR A 22 -15.67 -1.78 0.39
N MET A 23 -14.41 -2.17 0.58
CA MET A 23 -13.43 -2.13 -0.50
C MET A 23 -12.60 -3.40 -0.55
N GLU A 24 -12.27 -3.82 -1.76
CA GLU A 24 -11.25 -4.85 -1.99
C GLU A 24 -10.22 -4.26 -2.96
N VAL A 25 -8.95 -4.45 -2.67
CA VAL A 25 -7.88 -4.06 -3.58
C VAL A 25 -6.90 -5.24 -3.73
N GLY A 26 -6.67 -5.67 -4.96
CA GLY A 26 -5.78 -6.77 -5.24
C GLY A 26 -4.47 -6.32 -5.83
N TYR A 27 -3.42 -7.04 -5.44
CA TYR A 27 -2.05 -6.83 -5.90
C TYR A 27 -1.42 -8.13 -6.38
N VAL A 28 -0.68 -8.07 -7.48
CA VAL A 28 0.27 -9.12 -7.82
C VAL A 28 1.62 -8.45 -7.57
N ASP A 29 2.39 -9.04 -6.67
CA ASP A 29 3.63 -8.42 -6.22
C ASP A 29 3.30 -7.01 -5.72
N ASP A 30 3.99 -5.99 -6.23
CA ASP A 30 3.80 -4.62 -5.82
C ASP A 30 2.91 -3.83 -6.76
N THR A 31 2.17 -4.52 -7.61
CA THR A 31 1.36 -3.88 -8.67
C THR A 31 -0.14 -4.05 -8.37
N GLU A 32 -0.86 -2.94 -8.19
CA GLU A 32 -2.31 -2.97 -8.02
C GLU A 32 -2.92 -3.49 -9.33
N PHE A 33 -3.87 -4.42 -9.25
CA PHE A 33 -4.44 -4.95 -10.49
C PHE A 33 -5.96 -5.04 -10.56
N VAL A 34 -6.65 -5.07 -9.43
CA VAL A 34 -8.10 -5.07 -9.40
C VAL A 34 -8.56 -4.27 -8.18
N ARG A 35 -9.80 -3.77 -8.25
CA ARG A 35 -10.43 -3.06 -7.12
C ARG A 35 -11.94 -3.16 -7.18
N PHE A 36 -12.53 -3.13 -6.00
CA PHE A 36 -13.96 -3.01 -5.82
C PHE A 36 -14.18 -1.94 -4.73
N ASP A 37 -15.11 -1.02 -4.95
CA ASP A 37 -15.41 0.05 -3.99
C ASP A 37 -16.91 0.25 -3.95
N SER A 38 -17.53 -0.06 -2.83
CA SER A 38 -18.98 0.06 -2.71
C SER A 38 -19.49 1.47 -2.86
N ASP A 39 -18.61 2.46 -2.73
CA ASP A 39 -19.07 3.83 -2.86
C ASP A 39 -19.09 4.36 -4.28
N ALA A 40 -18.68 3.53 -5.22
CA ALA A 40 -18.79 3.90 -6.65
C ALA A 40 -20.29 3.95 -6.97
N GLU A 41 -20.64 4.61 -8.06
CA GLU A 41 -22.04 4.76 -8.39
C GLU A 41 -22.73 3.43 -8.72
N ASN A 42 -22.09 2.59 -9.53
CA ASN A 42 -22.61 1.23 -9.77
C ASN A 42 -21.46 0.28 -9.51
N PRO A 43 -21.28 -0.10 -8.26
CA PRO A 43 -20.06 -0.81 -7.87
C PRO A 43 -19.83 -2.09 -8.64
N ARG A 44 -18.62 -2.24 -9.17
CA ARG A 44 -18.22 -3.42 -9.91
C ARG A 44 -16.75 -3.66 -9.69
N TYR A 45 -16.32 -4.91 -9.86
CA TYR A 45 -14.91 -5.19 -9.86
C TYR A 45 -14.33 -4.51 -11.12
N GLU A 46 -13.18 -3.87 -10.99
CA GLU A 46 -12.58 -3.15 -12.08
C GLU A 46 -11.11 -3.49 -12.23
N PRO A 47 -10.60 -3.51 -13.45
CA PRO A 47 -9.16 -3.67 -13.65
C PRO A 47 -8.42 -2.42 -13.25
N ARG A 48 -7.20 -2.63 -12.76
CA ARG A 48 -6.30 -1.55 -12.40
C ARG A 48 -4.96 -1.63 -13.09
N ALA A 49 -4.75 -2.72 -13.83
CA ALA A 49 -3.54 -2.94 -14.62
C ALA A 49 -3.98 -3.29 -16.03
N ARG A 50 -3.25 -2.82 -17.02
CA ARG A 50 -3.62 -3.04 -18.42
C ARG A 50 -3.81 -4.48 -18.78
N TRP A 51 -2.96 -5.35 -18.23
CA TRP A 51 -3.01 -6.74 -18.64
C TRP A 51 -4.28 -7.46 -18.22
N MET A 52 -5.03 -6.88 -17.30
CA MET A 52 -6.31 -7.47 -16.92
C MET A 52 -7.37 -7.35 -18.00
N GLU A 53 -7.07 -6.61 -19.06
CA GLU A 53 -7.93 -6.63 -20.23
C GLU A 53 -8.04 -8.03 -20.86
N GLN A 54 -7.10 -8.92 -20.54
CA GLN A 54 -7.12 -10.27 -21.06
C GLN A 54 -8.18 -11.17 -20.42
N GLU A 55 -8.83 -10.70 -19.34
CA GLU A 55 -9.96 -11.43 -18.80
C GLU A 55 -11.25 -10.97 -19.48
N GLY A 56 -12.07 -11.94 -19.86
CA GLY A 56 -13.33 -11.68 -20.52
C GLY A 56 -14.43 -11.23 -19.60
N PRO A 57 -15.60 -10.91 -20.16
CA PRO A 57 -16.68 -10.36 -19.36
C PRO A 57 -17.13 -11.25 -18.21
N GLU A 58 -17.04 -12.57 -18.39
CA GLU A 58 -17.49 -13.47 -17.33
C GLU A 58 -16.65 -13.30 -16.08
N TYR A 59 -15.35 -13.02 -16.22
CA TYR A 59 -14.52 -12.80 -15.04
C TYR A 59 -15.05 -11.63 -14.24
N TRP A 60 -15.30 -10.52 -14.91
CA TRP A 60 -15.74 -9.32 -14.21
C TRP A 60 -17.09 -9.53 -13.54
N GLU A 61 -17.99 -10.27 -14.17
CA GLU A 61 -19.29 -10.55 -13.57
C GLU A 61 -19.13 -11.43 -12.34
N ARG A 62 -18.35 -12.51 -12.48
CA ARG A 62 -18.18 -13.44 -11.37
C ARG A 62 -17.48 -12.79 -10.20
N GLU A 63 -16.44 -12.01 -10.46
CA GLU A 63 -15.71 -11.40 -9.34
C GLU A 63 -16.52 -10.26 -8.70
N THR A 64 -17.36 -9.60 -9.48
CA THR A 64 -18.27 -8.62 -8.93
C THR A 64 -19.27 -9.29 -7.98
N GLN A 65 -19.86 -10.39 -8.41
CA GLN A 65 -20.79 -11.11 -7.55
C GLN A 65 -20.12 -11.59 -6.28
N LYS A 66 -18.87 -12.03 -6.40
CA LYS A 66 -18.13 -12.47 -5.22
C LYS A 66 -17.91 -11.31 -4.26
N ALA A 67 -17.53 -10.17 -4.80
CA ALA A 67 -17.33 -8.98 -3.98
C ALA A 67 -18.60 -8.56 -3.26
N LYS A 68 -19.72 -8.65 -3.94
CA LYS A 68 -20.98 -8.31 -3.32
C LYS A 68 -21.35 -9.29 -2.22
N GLY A 69 -21.03 -10.57 -2.42
CA GLY A 69 -21.26 -11.54 -1.39
C GLY A 69 -20.36 -11.28 -0.20
N ASN A 70 -19.10 -10.97 -0.48
CA ASN A 70 -18.15 -10.64 0.59
C ASN A 70 -18.63 -9.40 1.36
N GLU A 71 -19.11 -8.40 0.62
CA GLU A 71 -19.60 -7.17 1.25
C GLU A 71 -20.67 -7.49 2.28
N GLN A 72 -21.61 -8.36 1.91
CA GLN A 72 -22.66 -8.75 2.83
C GLN A 72 -22.12 -9.47 4.06
N SER A 73 -21.13 -10.32 3.86
CA SER A 73 -20.55 -11.02 5.03
C SER A 73 -19.90 -10.02 5.98
N PHE A 74 -19.19 -9.02 5.47
CA PHE A 74 -18.56 -8.05 6.34
C PHE A 74 -19.57 -7.11 7.00
N ARG A 75 -20.70 -6.83 6.35
CA ARG A 75 -21.77 -6.06 6.97
C ARG A 75 -22.28 -6.79 8.20
N VAL A 76 -22.54 -8.09 8.06
CA VAL A 76 -23.00 -8.87 9.17
C VAL A 76 -21.92 -8.92 10.25
N ASP A 77 -20.65 -9.07 9.84
CA ASP A 77 -19.56 -9.10 10.79
C ASP A 77 -19.50 -7.86 11.66
N LEU A 78 -19.68 -6.70 11.07
CA LEU A 78 -19.64 -5.47 11.84
C LEU A 78 -20.70 -5.52 12.96
N ARG A 79 -21.87 -6.04 12.64
CA ARG A 79 -22.91 -6.15 13.66
C ARG A 79 -22.55 -7.18 14.72
N THR A 80 -22.00 -8.30 14.28
CA THR A 80 -21.67 -9.39 15.18
C THR A 80 -20.62 -8.94 16.17
N LEU A 81 -19.63 -8.22 15.69
CA LEU A 81 -18.55 -7.76 16.55
C LEU A 81 -19.06 -6.78 17.61
N LEU A 82 -20.06 -5.97 17.31
CA LEU A 82 -20.62 -5.13 18.37
C LEU A 82 -21.13 -6.01 19.52
N GLY A 83 -21.72 -7.15 19.18
CA GLY A 83 -22.18 -8.11 20.17
C GLY A 83 -21.05 -8.77 20.93
N TYR A 84 -20.04 -9.24 20.22
CA TYR A 84 -18.95 -9.89 20.89
C TYR A 84 -18.26 -8.98 21.90
N TYR A 85 -18.11 -7.70 21.54
CA TYR A 85 -17.40 -6.74 22.36
C TYR A 85 -18.32 -5.87 23.20
N ASN A 86 -19.62 -6.08 23.13
CA ASN A 86 -20.59 -5.28 23.88
C ASN A 86 -20.41 -3.78 23.63
N GLN A 87 -20.37 -3.41 22.36
CA GLN A 87 -20.21 -2.02 21.94
C GLN A 87 -21.52 -1.46 21.41
N SER A 88 -21.66 -0.14 21.44
CA SER A 88 -22.89 0.51 20.98
C SER A 88 -22.95 0.64 19.46
N LYS A 89 -24.16 0.93 18.97
CA LYS A 89 -24.41 1.06 17.55
C LYS A 89 -24.03 2.43 16.97
N GLY A 90 -23.58 3.35 17.79
CA GLY A 90 -23.35 4.70 17.30
C GLY A 90 -21.96 5.05 16.82
N GLY A 91 -21.01 4.16 17.05
CA GLY A 91 -19.64 4.42 16.67
C GLY A 91 -19.23 3.72 15.38
N SER A 92 -18.28 4.31 14.68
CA SER A 92 -17.69 3.70 13.50
C SER A 92 -16.60 2.71 13.90
N HIS A 93 -16.60 1.57 13.22
CA HIS A 93 -15.64 0.51 13.45
C HIS A 93 -15.13 -0.01 12.10
N THR A 94 -13.97 -0.66 12.13
CA THR A 94 -13.28 -1.11 10.94
C THR A 94 -12.87 -2.56 11.03
N ILE A 95 -13.15 -3.30 9.98
CA ILE A 95 -12.58 -4.64 9.82
C ILE A 95 -11.60 -4.58 8.65
N GLN A 96 -10.44 -5.20 8.83
CA GLN A 96 -9.43 -5.30 7.77
C GLN A 96 -9.03 -6.76 7.63
N VAL A 97 -8.81 -7.16 6.37
CA VAL A 97 -8.29 -8.50 6.09
C VAL A 97 -7.18 -8.42 5.05
N ILE A 98 -6.09 -9.15 5.28
CA ILE A 98 -5.10 -9.42 4.23
C ILE A 98 -5.19 -10.91 3.94
N SER A 99 -5.33 -11.25 2.66
CA SER A 99 -5.46 -12.64 2.23
C SER A 99 -4.63 -12.86 0.99
N GLY A 100 -3.97 -14.00 0.91
CA GLY A 100 -3.24 -14.30 -0.30
C GLY A 100 -2.29 -15.47 -0.20
N CYS A 101 -1.51 -15.59 -1.27
CA CYS A 101 -0.59 -16.68 -1.42
C CYS A 101 0.65 -16.24 -2.14
N GLU A 102 1.73 -16.98 -1.94
CA GLU A 102 2.99 -16.73 -2.58
C GLU A 102 3.47 -18.02 -3.18
N VAL A 103 4.06 -17.89 -4.37
CA VAL A 103 4.67 -18.99 -5.08
C VAL A 103 6.13 -18.69 -5.35
N GLY A 104 6.90 -19.77 -5.54
CA GLY A 104 8.29 -19.64 -5.91
C GLY A 104 8.42 -19.40 -7.40
N SER A 105 9.66 -19.30 -7.86
CA SER A 105 9.91 -19.07 -9.29
C SER A 105 9.35 -20.17 -10.17
N ASP A 106 9.18 -21.35 -9.61
CA ASP A 106 8.63 -22.49 -10.35
C ASP A 106 7.11 -22.60 -10.27
N GLY A 107 6.45 -21.64 -9.62
CA GLY A 107 5.01 -21.63 -9.54
C GLY A 107 4.40 -22.47 -8.44
N ARG A 108 5.24 -23.07 -7.60
CA ARG A 108 4.72 -23.88 -6.51
C ARG A 108 4.55 -23.05 -5.25
N LEU A 109 3.53 -23.41 -4.47
CA LEU A 109 3.21 -22.69 -3.25
C LEU A 109 4.35 -22.60 -2.25
N LEU A 110 4.61 -21.39 -1.77
CA LEU A 110 5.55 -21.17 -0.69
C LEU A 110 4.82 -20.91 0.61
N ARG A 111 3.76 -20.10 0.55
CA ARG A 111 3.01 -19.80 1.74
C ARG A 111 1.66 -19.22 1.42
N GLY A 112 0.73 -19.43 2.34
CA GLY A 112 -0.58 -18.81 2.26
C GLY A 112 -0.86 -18.10 3.57
N TYR A 113 -1.79 -17.16 3.54
CA TYR A 113 -2.10 -16.40 4.72
C TYR A 113 -3.46 -15.74 4.63
N GLN A 114 -4.04 -15.52 5.79
CA GLN A 114 -5.26 -14.75 5.92
C GLN A 114 -5.36 -14.27 7.35
N GLN A 115 -5.36 -12.95 7.50
CA GLN A 115 -5.36 -12.35 8.82
C GLN A 115 -6.32 -11.19 8.86
N TYR A 116 -7.03 -11.12 9.99
CA TYR A 116 -8.07 -10.14 10.24
C TYR A 116 -7.64 -9.22 11.39
N ALA A 117 -8.15 -7.99 11.33
CA ALA A 117 -8.04 -7.01 12.39
C ALA A 117 -9.41 -6.32 12.60
N TYR A 118 -9.65 -5.89 13.85
CA TYR A 118 -10.83 -5.13 14.20
C TYR A 118 -10.34 -3.85 14.88
N ASP A 119 -10.75 -2.69 14.37
CA ASP A 119 -10.31 -1.38 14.88
C ASP A 119 -8.80 -1.29 14.99
N GLY A 120 -8.12 -1.87 14.00
CA GLY A 120 -6.69 -1.73 13.89
C GLY A 120 -5.86 -2.64 14.75
N CYS A 121 -6.50 -3.63 15.38
CA CYS A 121 -5.84 -4.58 16.24
C CYS A 121 -6.05 -6.00 15.76
N ASP A 122 -5.03 -6.84 15.91
CA ASP A 122 -5.13 -8.22 15.51
C ASP A 122 -6.40 -8.85 16.09
N TYR A 123 -7.08 -9.61 15.25
CA TYR A 123 -8.28 -10.32 15.62
C TYR A 123 -8.05 -11.85 15.51
N ILE A 124 -7.94 -12.36 14.30
CA ILE A 124 -7.69 -13.77 14.07
C ILE A 124 -6.78 -13.96 12.87
N ALA A 125 -5.96 -15.03 12.87
CA ALA A 125 -5.02 -15.28 11.78
C ALA A 125 -4.90 -16.75 11.52
N LEU A 126 -4.82 -17.12 10.25
CA LEU A 126 -4.55 -18.51 9.90
C LEU A 126 -3.09 -18.84 10.21
N ASN A 127 -2.85 -19.97 10.86
CA ASN A 127 -1.47 -20.37 11.14
C ASN A 127 -0.77 -20.81 9.87
N GLU A 128 0.56 -20.85 9.90
CA GLU A 128 1.35 -21.13 8.70
C GLU A 128 1.03 -22.47 8.08
N ASP A 129 0.64 -23.43 8.90
CA ASP A 129 0.27 -24.76 8.43
C ASP A 129 -1.05 -24.85 7.68
N LEU A 130 -1.80 -23.75 7.68
CA LEU A 130 -3.08 -23.64 6.99
C LEU A 130 -4.17 -24.58 7.55
N LYS A 131 -4.00 -25.01 8.79
CA LYS A 131 -4.93 -25.96 9.37
C LYS A 131 -5.73 -25.44 10.56
N THR A 132 -5.16 -24.47 11.27
CA THR A 132 -5.80 -23.92 12.45
C THR A 132 -5.59 -22.42 12.48
N TRP A 133 -6.41 -21.74 13.28
CA TRP A 133 -6.31 -20.31 13.47
C TRP A 133 -5.75 -19.99 14.85
N THR A 134 -5.23 -18.79 14.97
CA THR A 134 -4.88 -18.25 16.26
C THR A 134 -5.64 -16.96 16.49
N ALA A 135 -6.22 -16.87 17.68
CA ALA A 135 -7.16 -15.83 18.08
C ALA A 135 -6.52 -14.91 19.11
N ALA A 136 -6.66 -13.60 18.91
CA ALA A 136 -5.98 -12.62 19.75
C ALA A 136 -6.72 -12.27 21.03
N ASP A 137 -8.01 -12.56 21.08
CA ASP A 137 -8.82 -12.26 22.25
C ASP A 137 -10.03 -13.20 22.28
N MET A 138 -10.86 -13.05 23.30
CA MET A 138 -11.96 -13.98 23.52
C MET A 138 -13.04 -13.84 22.46
N ALA A 139 -13.19 -12.68 21.83
CA ALA A 139 -14.14 -12.54 20.72
C ALA A 139 -13.67 -13.39 19.55
N ALA A 140 -12.40 -13.27 19.21
CA ALA A 140 -11.85 -14.04 18.12
C ALA A 140 -11.89 -15.54 18.41
N LEU A 141 -11.85 -15.91 19.69
CA LEU A 141 -11.97 -17.32 20.06
C LEU A 141 -13.34 -17.86 19.70
N ILE A 142 -14.37 -17.05 19.85
CA ILE A 142 -15.72 -17.45 19.40
C ILE A 142 -15.70 -17.72 17.90
N THR A 143 -15.10 -16.82 17.13
CA THR A 143 -14.98 -17.02 15.70
C THR A 143 -14.21 -18.31 15.40
N LYS A 144 -13.07 -18.52 16.07
CA LYS A 144 -12.29 -19.72 15.84
C LYS A 144 -13.15 -20.96 16.05
N HIS A 145 -13.88 -21.01 17.16
CA HIS A 145 -14.70 -22.16 17.42
C HIS A 145 -15.80 -22.37 16.36
N LYS A 146 -16.42 -21.29 15.92
CA LYS A 146 -17.43 -21.41 14.87
C LYS A 146 -16.80 -21.97 13.59
N TRP A 147 -15.68 -21.40 13.20
CA TRP A 147 -15.02 -21.78 11.95
C TRP A 147 -14.55 -23.23 12.02
N GLU A 148 -14.09 -23.66 13.19
CA GLU A 148 -13.68 -25.07 13.37
C GLU A 148 -14.84 -26.04 13.17
N GLN A 149 -15.98 -25.72 13.74
CA GLN A 149 -17.10 -26.63 13.64
C GLN A 149 -17.69 -26.64 12.26
N ALA A 150 -17.48 -25.57 11.51
CA ALA A 150 -18.05 -25.44 10.16
C ALA A 150 -17.13 -25.95 9.04
N GLY A 151 -15.89 -26.27 9.37
CA GLY A 151 -14.95 -26.77 8.37
C GLY A 151 -14.36 -25.66 7.53
N GLU A 152 -14.27 -24.46 8.09
CA GLU A 152 -13.80 -23.32 7.35
C GLU A 152 -12.31 -23.42 6.99
N ALA A 153 -11.49 -24.00 7.86
CA ALA A 153 -10.06 -24.05 7.56
C ALA A 153 -9.82 -24.93 6.34
N GLU A 154 -10.56 -26.01 6.19
CA GLU A 154 -10.41 -26.88 5.02
C GLU A 154 -10.78 -26.11 3.75
N ARG A 155 -11.85 -25.33 3.80
CA ARG A 155 -12.26 -24.56 2.63
C ARG A 155 -11.20 -23.51 2.29
N LEU A 156 -10.70 -22.84 3.31
CA LEU A 156 -9.70 -21.83 3.09
C LEU A 156 -8.38 -22.42 2.57
N ARG A 157 -7.97 -23.54 3.15
CA ARG A 157 -6.75 -24.19 2.69
C ARG A 157 -6.90 -24.60 1.22
N ALA A 158 -8.06 -25.13 0.84
CA ALA A 158 -8.27 -25.51 -0.57
C ALA A 158 -8.12 -24.29 -1.49
N TYR A 159 -8.61 -23.14 -1.05
CA TYR A 159 -8.45 -21.90 -1.82
C TYR A 159 -6.96 -21.52 -1.90
N LEU A 160 -6.28 -21.48 -0.78
CA LEU A 160 -4.91 -21.01 -0.75
C LEU A 160 -3.95 -21.90 -1.54
N GLU A 161 -4.12 -23.22 -1.44
CA GLU A 161 -3.25 -24.17 -2.10
C GLU A 161 -3.62 -24.39 -3.56
N GLY A 162 -4.87 -24.14 -3.90
CA GLY A 162 -5.39 -24.41 -5.21
C GLY A 162 -5.71 -23.18 -6.02
N THR A 163 -6.92 -22.68 -5.81
CA THR A 163 -7.40 -21.54 -6.53
C THR A 163 -6.48 -20.34 -6.56
N CYS A 164 -6.02 -19.93 -5.40
CA CYS A 164 -5.16 -18.77 -5.27
C CYS A 164 -3.89 -18.92 -6.11
N VAL A 165 -3.27 -20.09 -6.03
CA VAL A 165 -2.06 -20.39 -6.75
C VAL A 165 -2.31 -20.39 -8.27
N GLU A 166 -3.40 -21.01 -8.65
CA GLU A 166 -3.73 -21.09 -10.07
C GLU A 166 -4.00 -19.71 -10.65
N TRP A 167 -4.71 -18.85 -9.90
CA TRP A 167 -4.96 -17.51 -10.40
C TRP A 167 -3.65 -16.75 -10.48
N LEU A 168 -2.82 -16.83 -9.45
CA LEU A 168 -1.54 -16.11 -9.46
C LEU A 168 -0.71 -16.52 -10.68
N ARG A 169 -0.63 -17.82 -10.96
CA ARG A 169 0.14 -18.27 -12.12
C ARG A 169 -0.41 -17.63 -13.41
N ARG A 170 -1.74 -17.62 -13.56
CA ARG A 170 -2.37 -17.05 -14.73
C ARG A 170 -2.10 -15.54 -14.87
N TYR A 171 -2.20 -14.81 -13.76
CA TYR A 171 -1.94 -13.38 -13.81
C TYR A 171 -0.48 -13.12 -14.20
N LEU A 172 0.46 -13.89 -13.67
CA LEU A 172 1.86 -13.75 -14.05
C LEU A 172 2.08 -14.04 -15.52
N LYS A 173 1.37 -15.04 -16.05
CA LYS A 173 1.45 -15.37 -17.46
C LYS A 173 0.90 -14.24 -18.31
N ASN A 174 -0.30 -13.79 -17.98
CA ASN A 174 -0.92 -12.74 -18.79
C ASN A 174 -0.20 -11.41 -18.68
N GLY A 175 0.24 -11.06 -17.49
CA GLY A 175 0.90 -9.79 -17.23
C GLY A 175 2.41 -9.82 -17.25
N ASN A 176 2.97 -10.81 -17.91
CA ASN A 176 4.41 -11.02 -17.88
C ASN A 176 5.22 -9.79 -18.26
N ALA A 177 4.78 -9.05 -19.26
CA ALA A 177 5.58 -7.92 -19.70
C ALA A 177 5.70 -6.83 -18.64
N THR A 178 4.71 -6.75 -17.78
CA THR A 178 4.68 -5.78 -16.70
C THR A 178 5.29 -6.36 -15.43
N LEU A 179 4.83 -7.54 -15.07
CA LEU A 179 5.18 -8.10 -13.78
C LEU A 179 6.57 -8.72 -13.69
N LEU A 180 7.12 -9.19 -14.81
CA LEU A 180 8.42 -9.83 -14.77
C LEU A 180 9.54 -8.90 -15.20
N ARG A 181 9.22 -7.63 -15.38
CA ARG A 181 10.21 -6.66 -15.80
C ARG A 181 11.05 -6.18 -14.64
N THR A 182 12.18 -5.59 -14.98
CA THR A 182 12.99 -4.89 -14.01
C THR A 182 13.28 -3.50 -14.53
N ASP A 183 12.93 -2.49 -13.74
CA ASP A 183 13.28 -1.10 -14.04
C ASP A 183 14.36 -0.70 -13.04
N SER A 184 15.52 -0.33 -13.57
CA SER A 184 16.68 0.02 -12.74
C SER A 184 16.54 1.39 -12.09
N PRO A 185 16.94 1.51 -10.83
CA PRO A 185 16.95 2.82 -10.18
C PRO A 185 17.94 3.77 -10.85
N LYS A 186 17.56 5.04 -10.85
CA LYS A 186 18.45 6.13 -11.18
C LYS A 186 18.61 6.90 -9.89
N ALA A 187 19.84 7.22 -9.52
CA ALA A 187 20.10 7.82 -8.23
C ALA A 187 20.77 9.18 -8.32
N HIS A 188 20.56 9.98 -7.27
CA HIS A 188 21.24 11.25 -7.12
C HIS A 188 21.27 11.67 -5.67
N VAL A 189 22.15 12.62 -5.38
CA VAL A 189 22.33 13.14 -4.03
C VAL A 189 22.03 14.63 -3.99
N THR A 190 21.21 15.05 -3.02
CA THR A 190 20.96 16.45 -2.77
C THR A 190 21.63 16.81 -1.45
N HIS A 191 21.79 18.11 -1.24
CA HIS A 191 22.57 18.66 -0.14
C HIS A 191 21.79 19.84 0.45
N HIS A 192 21.72 19.88 1.78
CA HIS A 192 21.01 20.96 2.46
C HIS A 192 21.77 21.46 3.68
N SER A 193 21.84 22.76 3.82
CA SER A 193 22.50 23.40 4.96
C SER A 193 21.70 23.20 6.24
N ARG A 194 22.37 23.33 7.36
CA ARG A 194 21.74 23.22 8.67
C ARG A 194 22.31 24.30 9.57
N PRO A 195 21.72 24.52 10.73
CA PRO A 195 22.36 25.36 11.75
C PRO A 195 23.52 24.53 12.25
N GLU A 196 24.54 25.17 12.79
CA GLU A 196 25.72 24.43 13.20
C GLU A 196 26.41 24.03 11.89
N ASP A 197 27.67 23.65 11.99
CA ASP A 197 28.46 23.39 10.80
C ASP A 197 28.19 21.98 10.29
N LYS A 198 26.92 21.69 10.02
CA LYS A 198 26.54 20.36 9.54
C LYS A 198 25.75 20.50 8.25
N VAL A 199 25.60 19.41 7.54
CA VAL A 199 24.85 19.41 6.31
C VAL A 199 24.04 18.12 6.22
N THR A 200 22.89 18.17 5.57
CA THR A 200 22.12 16.96 5.29
C THR A 200 22.41 16.51 3.88
N LEU A 201 22.81 15.24 3.76
CA LEU A 201 22.98 14.62 2.45
C LEU A 201 21.84 13.63 2.25
N ARG A 202 21.13 13.75 1.12
CA ARG A 202 19.98 12.90 0.85
C ARG A 202 20.18 12.16 -0.44
N CYS A 203 20.15 10.83 -0.35
CA CYS A 203 20.32 9.98 -1.50
C CYS A 203 18.97 9.52 -1.99
N TRP A 204 18.70 9.80 -3.27
CA TRP A 204 17.46 9.42 -3.91
C TRP A 204 17.63 8.27 -4.88
N ALA A 205 16.66 7.36 -4.90
CA ALA A 205 16.57 6.32 -5.90
C ALA A 205 15.20 6.42 -6.55
N LEU A 206 15.20 6.60 -7.88
CA LEU A 206 13.97 6.86 -8.63
C LEU A 206 13.76 5.83 -9.72
N GLY A 207 12.50 5.64 -10.08
CA GLY A 207 12.12 4.92 -11.27
C GLY A 207 12.28 3.42 -11.30
N PHE A 208 12.23 2.77 -10.15
CA PHE A 208 12.55 1.36 -10.09
C PHE A 208 11.36 0.42 -9.86
N TYR A 209 11.56 -0.83 -10.26
CA TYR A 209 10.58 -1.88 -10.08
C TYR A 209 11.36 -3.20 -10.15
N PRO A 210 11.11 -4.17 -9.28
CA PRO A 210 10.12 -4.14 -8.19
C PRO A 210 10.52 -3.20 -7.06
N ALA A 211 9.68 -3.16 -6.04
CA ALA A 211 9.81 -2.19 -4.96
C ALA A 211 10.98 -2.47 -4.02
N ASP A 212 11.37 -3.73 -3.85
CA ASP A 212 12.43 -4.05 -2.90
C ASP A 212 13.73 -3.35 -3.32
N ILE A 213 14.34 -2.63 -2.38
CA ILE A 213 15.58 -1.93 -2.61
C ILE A 213 16.28 -1.72 -1.31
N THR A 214 17.59 -1.54 -1.37
CA THR A 214 18.35 -1.16 -0.19
C THR A 214 19.17 0.08 -0.50
N LEU A 215 19.03 1.12 0.34
CA LEU A 215 19.85 2.34 0.29
C LEU A 215 20.63 2.43 1.58
N THR A 216 21.93 2.63 1.48
CA THR A 216 22.75 2.83 2.68
C THR A 216 23.68 4.00 2.47
N TRP A 217 24.13 4.56 3.58
CA TRP A 217 25.19 5.56 3.59
C TRP A 217 26.38 4.93 4.31
N GLN A 218 27.58 5.13 3.79
CA GLN A 218 28.79 4.64 4.42
C GLN A 218 29.78 5.75 4.65
N LEU A 219 30.60 5.55 5.67
CA LEU A 219 31.73 6.39 6.00
C LEU A 219 32.85 5.42 6.34
N ASN A 220 34.00 5.53 5.71
CA ASN A 220 35.09 4.62 6.06
C ASN A 220 34.71 3.15 5.91
N GLY A 221 33.93 2.81 4.89
CA GLY A 221 33.55 1.42 4.65
C GLY A 221 32.48 0.88 5.59
N GLU A 222 32.06 1.68 6.56
CA GLU A 222 31.06 1.24 7.53
C GLU A 222 29.73 1.87 7.22
N GLU A 223 28.68 1.06 7.26
CA GLU A 223 27.33 1.55 7.02
C GLU A 223 26.86 2.30 8.26
N LEU A 224 26.10 3.37 8.02
CA LEU A 224 25.59 4.23 9.08
C LEU A 224 24.08 4.06 9.27
N ILE A 225 23.59 2.82 9.31
CA ILE A 225 22.14 2.59 9.42
C ILE A 225 21.46 3.29 10.62
N GLN A 226 22.23 3.55 11.68
CA GLN A 226 21.70 4.22 12.86
C GLN A 226 21.46 5.70 12.57
N ASP A 227 22.50 6.38 12.07
CA ASP A 227 22.45 7.81 11.80
C ASP A 227 21.51 8.21 10.65
N MET A 228 20.94 7.24 9.93
CA MET A 228 20.13 7.56 8.77
C MET A 228 18.65 7.84 9.02
N GLU A 229 18.09 8.77 8.24
CA GLU A 229 16.65 8.98 8.18
C GLU A 229 16.24 8.47 6.82
N LEU A 230 15.07 7.85 6.75
CA LEU A 230 14.58 7.42 5.46
C LEU A 230 13.07 7.42 5.39
N VAL A 231 12.54 7.28 4.19
CA VAL A 231 11.10 7.11 4.01
C VAL A 231 10.89 5.69 3.54
N GLU A 232 9.72 5.14 3.82
CA GLU A 232 9.35 3.86 3.29
C GLU A 232 9.27 3.97 1.78
N THR A 233 9.66 2.90 1.09
CA THR A 233 9.56 2.87 -0.36
C THR A 233 8.13 3.17 -0.79
N ARG A 234 8.00 4.00 -1.83
CA ARG A 234 6.68 4.55 -2.15
C ARG A 234 6.43 4.55 -3.65
N PRO A 235 5.18 4.34 -4.02
CA PRO A 235 4.79 4.32 -5.45
C PRO A 235 4.82 5.73 -6.03
N ALA A 236 5.14 5.82 -7.32
CA ALA A 236 5.30 7.11 -7.97
C ALA A 236 4.36 7.41 -9.11
N GLY A 237 3.29 6.64 -9.19
CA GLY A 237 2.14 7.00 -10.03
C GLY A 237 2.07 6.35 -11.39
N ASP A 238 3.14 5.64 -11.76
CA ASP A 238 3.23 4.98 -13.05
C ASP A 238 3.68 3.54 -12.96
N GLY A 239 3.53 2.96 -11.79
CA GLY A 239 3.91 1.58 -11.60
C GLY A 239 5.34 1.37 -11.16
N THR A 240 6.07 2.45 -10.93
CA THR A 240 7.42 2.36 -10.41
C THR A 240 7.44 2.93 -8.99
N PHE A 241 8.60 2.83 -8.35
CA PHE A 241 8.77 3.21 -6.94
C PHE A 241 9.95 4.15 -6.76
N GLN A 242 9.99 4.77 -5.58
CA GLN A 242 11.07 5.65 -5.23
C GLN A 242 11.34 5.56 -3.74
N LYS A 243 12.54 6.01 -3.35
CA LYS A 243 12.95 6.02 -1.95
C LYS A 243 14.06 7.04 -1.75
N TRP A 244 14.19 7.58 -0.54
CA TRP A 244 15.35 8.36 -0.19
C TRP A 244 15.83 7.99 1.21
N ALA A 245 17.12 8.25 1.44
CA ALA A 245 17.76 8.05 2.74
C ALA A 245 18.74 9.19 2.94
N SER A 246 18.76 9.76 4.15
CA SER A 246 19.63 10.88 4.41
C SER A 246 20.52 10.66 5.64
N VAL A 247 21.62 11.39 5.68
CA VAL A 247 22.50 11.43 6.85
C VAL A 247 22.94 12.88 7.06
N VAL A 248 23.26 13.23 8.30
CA VAL A 248 23.77 14.54 8.67
C VAL A 248 25.27 14.38 8.93
N VAL A 249 26.05 15.21 8.27
CA VAL A 249 27.49 15.10 8.32
C VAL A 249 28.11 16.47 8.55
N PRO A 250 29.37 16.51 8.94
CA PRO A 250 30.03 17.79 9.17
C PRO A 250 30.31 18.56 7.87
N LEU A 251 30.09 19.86 7.93
CA LEU A 251 30.37 20.72 6.79
C LEU A 251 31.83 20.55 6.43
N GLY A 252 32.09 20.35 5.14
CA GLY A 252 33.44 20.17 4.66
C GLY A 252 33.90 18.72 4.58
N LYS A 253 33.11 17.79 5.11
CA LYS A 253 33.50 16.38 5.06
C LYS A 253 32.58 15.55 4.20
N GLU A 254 31.75 16.22 3.40
CA GLU A 254 30.77 15.52 2.56
C GLU A 254 31.41 14.45 1.69
N GLN A 255 32.63 14.72 1.23
CA GLN A 255 33.33 13.82 0.30
C GLN A 255 33.61 12.41 0.84
N TYR A 256 33.58 12.25 2.15
CA TYR A 256 33.93 10.97 2.77
C TYR A 256 32.74 10.02 2.87
N TYR A 257 31.54 10.50 2.53
CA TYR A 257 30.32 9.74 2.66
C TYR A 257 29.83 9.26 1.32
N THR A 258 29.43 7.99 1.24
CA THR A 258 28.94 7.44 0.00
C THR A 258 27.60 6.79 0.19
N CYS A 259 26.74 6.98 -0.80
CA CYS A 259 25.46 6.31 -0.83
C CYS A 259 25.59 5.09 -1.73
N HIS A 260 25.02 3.98 -1.25
CA HIS A 260 25.03 2.71 -1.95
C HIS A 260 23.58 2.25 -2.22
N VAL A 261 23.32 1.82 -3.46
CA VAL A 261 22.01 1.41 -3.90
C VAL A 261 22.11 0.01 -4.45
N TYR A 262 21.31 -0.90 -3.86
CA TYR A 262 21.24 -2.31 -4.25
C TYR A 262 19.84 -2.61 -4.73
N HIS A 263 19.74 -3.22 -5.91
CA HIS A 263 18.45 -3.52 -6.51
C HIS A 263 18.61 -4.58 -7.57
N GLN A 264 17.54 -5.34 -7.81
CA GLN A 264 17.52 -6.37 -8.83
C GLN A 264 17.92 -5.84 -10.23
N GLY A 265 17.71 -4.54 -10.49
CA GLY A 265 18.10 -3.95 -11.75
C GLY A 265 19.49 -3.31 -11.78
N LEU A 266 20.30 -3.56 -10.76
CA LEU A 266 21.64 -3.02 -10.68
C LEU A 266 22.64 -4.18 -10.59
N PRO A 267 23.19 -4.60 -11.72
CA PRO A 267 24.14 -5.73 -11.70
C PRO A 267 25.25 -5.49 -10.71
N GLU A 268 25.75 -4.27 -10.68
CA GLU A 268 26.64 -3.90 -9.60
C GLU A 268 25.96 -2.75 -8.89
N PRO A 269 25.94 -2.76 -7.57
CA PRO A 269 25.29 -1.67 -6.85
C PRO A 269 25.89 -0.33 -7.22
N LEU A 270 25.07 0.71 -7.12
CA LEU A 270 25.54 2.06 -7.37
C LEU A 270 26.24 2.62 -6.15
N THR A 271 27.27 3.41 -6.39
CA THR A 271 27.96 4.14 -5.35
C THR A 271 27.97 5.58 -5.81
N LEU A 272 27.51 6.48 -4.95
CA LEU A 272 27.54 7.87 -5.33
C LEU A 272 27.84 8.78 -4.17
N ARG A 273 28.36 9.95 -4.53
CA ARG A 273 28.72 10.99 -3.58
C ARG A 273 28.14 12.34 -4.01
N TRP A 274 28.07 13.28 -3.08
CA TRP A 274 27.64 14.63 -3.42
C TRP A 274 28.74 15.34 -4.19
N ILE B 1 -3.99 3.70 17.38
CA ILE B 1 -5.15 3.37 16.50
C ILE B 1 -6.14 4.54 16.44
N GLN B 2 -5.62 5.64 16.94
CA GLN B 2 -5.83 6.89 16.25
C GLN B 2 -4.40 7.22 15.90
N LYS B 3 -4.11 7.18 14.60
CA LYS B 3 -2.77 7.45 14.10
C LYS B 3 -2.87 8.54 13.04
N THR B 4 -2.09 9.61 13.20
CA THR B 4 -2.12 10.76 12.31
C THR B 4 -1.35 10.46 11.02
N PRO B 5 -1.89 10.84 9.88
CA PRO B 5 -1.22 10.55 8.61
C PRO B 5 0.07 11.27 8.43
N GLN B 6 1.00 10.55 7.83
CA GLN B 6 2.24 11.11 7.30
C GLN B 6 1.90 11.45 5.85
N ILE B 7 2.25 12.63 5.41
CA ILE B 7 1.90 13.10 4.10
C ILE B 7 3.17 13.45 3.34
N GLN B 8 3.39 12.77 2.22
CA GLN B 8 4.62 12.91 1.42
C GLN B 8 4.23 13.33 0.00
N VAL B 9 4.85 14.39 -0.50
CA VAL B 9 4.55 14.96 -1.81
C VAL B 9 5.82 14.95 -2.62
N TYR B 10 5.74 14.38 -3.83
CA TYR B 10 6.93 14.18 -4.65
C TYR B 10 6.57 13.94 -6.08
N SER B 11 7.49 14.28 -6.97
CA SER B 11 7.30 14.03 -8.37
C SER B 11 7.97 12.70 -8.79
N ARG B 12 7.47 12.15 -9.89
CA ARG B 12 8.03 10.93 -10.48
C ARG B 12 9.44 11.15 -11.02
N HIS B 13 9.61 12.25 -11.75
CA HIS B 13 10.90 12.59 -12.35
C HIS B 13 11.43 13.85 -11.67
N PRO B 14 12.74 14.04 -11.66
CA PRO B 14 13.29 15.30 -11.19
C PRO B 14 12.62 16.40 -12.01
N PRO B 15 12.16 17.45 -11.36
CA PRO B 15 11.39 18.44 -12.09
C PRO B 15 12.23 19.31 -13.03
N GLU B 16 11.67 19.52 -14.20
CA GLU B 16 12.25 20.41 -15.20
C GLU B 16 11.09 21.25 -15.71
N ASN B 17 11.24 22.56 -15.60
CA ASN B 17 10.17 23.47 -15.99
C ASN B 17 9.75 23.22 -17.44
N GLY B 18 8.46 23.07 -17.65
CA GLY B 18 7.92 22.85 -18.98
C GLY B 18 7.89 21.40 -19.44
N LYS B 19 8.39 20.48 -18.62
CA LYS B 19 8.41 19.07 -18.99
C LYS B 19 7.34 18.29 -18.24
N PRO B 20 6.45 17.61 -18.94
CA PRO B 20 5.43 16.79 -18.26
C PRO B 20 6.02 15.80 -17.27
N ASN B 21 5.26 15.56 -16.21
CA ASN B 21 5.71 14.79 -15.05
C ASN B 21 4.45 14.25 -14.32
N ILE B 22 4.66 13.60 -13.18
CA ILE B 22 3.58 13.10 -12.33
C ILE B 22 3.86 13.59 -10.92
N LEU B 23 2.83 14.13 -10.27
CA LEU B 23 2.92 14.58 -8.89
C LEU B 23 2.13 13.62 -8.05
N ASN B 24 2.74 13.24 -6.94
CA ASN B 24 2.22 12.27 -6.00
C ASN B 24 2.03 12.84 -4.62
N CYS B 25 0.96 12.39 -3.96
CA CYS B 25 0.77 12.64 -2.55
C CYS B 25 0.47 11.28 -1.92
N TYR B 26 1.41 10.77 -1.14
CA TYR B 26 1.26 9.46 -0.50
C TYR B 26 0.94 9.73 0.96
N VAL B 27 -0.20 9.24 1.40
CA VAL B 27 -0.73 9.51 2.74
C VAL B 27 -0.70 8.19 3.48
N THR B 28 0.08 8.14 4.56
CA THR B 28 0.40 6.86 5.15
C THR B 28 0.31 6.84 6.65
N GLN B 29 0.33 5.61 7.15
CA GLN B 29 0.40 5.36 8.57
C GLN B 29 -0.77 5.93 9.35
N PHE B 30 -1.98 5.89 8.79
CA PHE B 30 -3.13 6.49 9.44
C PHE B 30 -4.20 5.50 9.84
N HIS B 31 -4.97 5.89 10.85
CA HIS B 31 -6.12 5.09 11.32
C HIS B 31 -6.95 6.08 12.16
N PRO B 32 -8.28 6.13 12.07
CA PRO B 32 -9.14 5.29 11.26
C PRO B 32 -9.07 5.60 9.76
N PRO B 33 -9.70 4.80 8.93
CA PRO B 33 -9.56 4.96 7.49
C PRO B 33 -10.21 6.14 6.82
N HIS B 34 -11.24 6.73 7.42
CA HIS B 34 -11.87 7.85 6.76
C HIS B 34 -10.90 8.98 6.57
N ILE B 35 -10.81 9.51 5.33
CA ILE B 35 -9.88 10.57 5.05
C ILE B 35 -10.29 11.31 3.80
N GLU B 36 -9.89 12.57 3.73
CA GLU B 36 -10.13 13.38 2.54
C GLU B 36 -8.80 13.90 2.08
N ILE B 37 -8.51 13.73 0.80
CA ILE B 37 -7.26 14.11 0.21
C ILE B 37 -7.51 14.89 -1.06
N GLN B 38 -6.94 16.10 -1.13
CA GLN B 38 -7.06 16.95 -2.31
C GLN B 38 -5.66 17.40 -2.76
N MET B 39 -5.43 17.43 -4.07
CA MET B 39 -4.21 18.03 -4.63
C MET B 39 -4.56 19.39 -5.21
N LEU B 40 -3.70 20.36 -4.93
CA LEU B 40 -3.96 21.78 -5.29
C LEU B 40 -2.84 22.36 -6.12
N LYS B 41 -3.22 23.09 -7.17
CA LYS B 41 -2.30 23.85 -8.00
C LYS B 41 -2.62 25.32 -7.72
N ASN B 42 -1.65 26.06 -7.21
CA ASN B 42 -1.88 27.47 -6.86
C ASN B 42 -3.14 27.62 -6.03
N GLY B 43 -3.34 26.69 -5.09
CA GLY B 43 -4.48 26.70 -4.19
C GLY B 43 -5.82 26.24 -4.72
N LYS B 44 -5.87 25.85 -5.99
CA LYS B 44 -7.10 25.39 -6.62
C LYS B 44 -7.08 23.90 -6.81
N LYS B 45 -8.19 23.26 -6.46
CA LYS B 45 -8.30 21.80 -6.59
C LYS B 45 -8.00 21.37 -8.02
N ILE B 46 -7.14 20.36 -8.15
CA ILE B 46 -6.82 19.79 -9.46
C ILE B 46 -7.88 18.75 -9.76
N PRO B 47 -8.49 18.83 -10.93
CA PRO B 47 -9.52 17.86 -11.33
C PRO B 47 -8.91 16.51 -11.76
N LYS B 48 -9.69 15.47 -11.69
CA LYS B 48 -9.24 14.17 -12.23
C LYS B 48 -8.04 13.52 -11.53
N VAL B 49 -7.81 13.81 -10.26
CA VAL B 49 -6.74 13.16 -9.51
C VAL B 49 -7.11 11.69 -9.33
N GLU B 50 -6.14 10.82 -9.54
CA GLU B 50 -6.35 9.39 -9.39
C GLU B 50 -5.93 8.93 -7.99
N MET B 51 -6.79 8.15 -7.35
CA MET B 51 -6.48 7.50 -6.11
C MET B 51 -6.10 6.05 -6.39
N SER B 52 -5.00 5.59 -5.80
CA SER B 52 -4.50 4.25 -6.09
C SER B 52 -3.66 3.73 -4.95
N ASP B 53 -3.23 2.48 -5.09
CA ASP B 53 -2.28 1.92 -4.15
C ASP B 53 -2.73 1.96 -2.70
N MET B 54 -4.01 1.69 -2.47
CA MET B 54 -4.47 1.54 -1.11
C MET B 54 -3.96 0.24 -0.54
N SER B 55 -3.41 0.29 0.67
CA SER B 55 -2.94 -0.90 1.34
C SER B 55 -2.88 -0.63 2.84
N PHE B 56 -2.49 -1.64 3.58
CA PHE B 56 -2.20 -1.44 4.99
C PHE B 56 -0.93 -2.15 5.36
N SER B 57 -0.26 -1.66 6.41
CA SER B 57 0.99 -2.25 6.86
C SER B 57 0.74 -3.36 7.88
N LYS B 58 1.82 -3.92 8.40
CA LYS B 58 1.72 -4.98 9.37
C LYS B 58 1.04 -4.52 10.66
N ASP B 59 1.08 -3.22 10.97
CA ASP B 59 0.42 -2.71 12.16
C ASP B 59 -1.00 -2.24 11.86
N TRP B 60 -1.46 -2.54 10.64
CA TRP B 60 -2.81 -2.26 10.17
C TRP B 60 -3.08 -0.80 9.78
N SER B 61 -2.06 0.06 9.82
CA SER B 61 -2.28 1.43 9.41
C SER B 61 -2.47 1.51 7.90
N PHE B 62 -3.24 2.51 7.48
CA PHE B 62 -3.59 2.67 6.07
C PHE B 62 -2.59 3.53 5.31
N TYR B 63 -2.51 3.23 4.01
CA TYR B 63 -1.66 3.89 3.05
C TYR B 63 -2.51 4.08 1.79
N ILE B 64 -2.37 5.24 1.14
CA ILE B 64 -3.04 5.46 -0.14
C ILE B 64 -2.32 6.56 -0.92
N LEU B 65 -2.34 6.44 -2.25
CA LEU B 65 -1.70 7.39 -3.15
C LEU B 65 -2.69 8.22 -3.94
N ALA B 66 -2.50 9.54 -3.96
CA ALA B 66 -3.15 10.41 -4.91
C ALA B 66 -2.11 10.84 -5.94
N HIS B 67 -2.46 10.81 -7.22
CA HIS B 67 -1.50 11.25 -8.21
C HIS B 67 -2.15 11.91 -9.41
N THR B 68 -1.39 12.76 -10.09
CA THR B 68 -1.89 13.46 -11.25
C THR B 68 -0.74 13.85 -12.16
N GLU B 69 -1.02 13.95 -13.44
CA GLU B 69 -0.04 14.47 -14.37
C GLU B 69 0.07 15.97 -14.13
N PHE B 70 1.26 16.51 -14.32
CA PHE B 70 1.48 17.94 -14.19
C PHE B 70 2.70 18.35 -14.98
N THR B 71 2.75 19.61 -15.33
CA THR B 71 3.92 20.16 -15.98
C THR B 71 4.39 21.34 -15.13
N PRO B 72 5.44 21.16 -14.33
CA PRO B 72 5.90 22.22 -13.42
C PRO B 72 6.41 23.47 -14.16
N THR B 73 6.25 24.61 -13.50
CA THR B 73 6.86 25.86 -13.96
C THR B 73 7.64 26.40 -12.77
N GLU B 74 8.35 27.49 -12.96
CA GLU B 74 9.20 27.97 -11.86
C GLU B 74 8.41 28.36 -10.64
N THR B 75 7.28 29.01 -10.86
CA THR B 75 6.53 29.59 -9.75
C THR B 75 5.14 29.05 -9.48
N ASP B 76 4.67 28.03 -10.21
CA ASP B 76 3.44 27.39 -9.76
C ASP B 76 3.72 26.58 -8.51
N THR B 77 2.84 26.63 -7.54
CA THR B 77 3.00 25.82 -6.34
C THR B 77 2.00 24.68 -6.35
N TYR B 78 2.38 23.61 -5.70
CA TYR B 78 1.54 22.43 -5.61
C TYR B 78 1.50 21.98 -4.17
N ALA B 79 0.36 21.47 -3.76
CA ALA B 79 0.20 21.01 -2.38
C ALA B 79 -0.82 19.89 -2.29
N CYS B 80 -0.77 19.20 -1.17
CA CYS B 80 -1.71 18.15 -0.84
C CYS B 80 -2.34 18.51 0.48
N ARG B 81 -3.67 18.57 0.50
CA ARG B 81 -4.43 18.95 1.69
C ARG B 81 -5.24 17.76 2.15
N VAL B 82 -5.06 17.43 3.43
CA VAL B 82 -5.63 16.22 4.00
C VAL B 82 -6.46 16.52 5.25
N LYS B 83 -7.64 15.93 5.31
CA LYS B 83 -8.51 16.04 6.47
C LYS B 83 -8.66 14.65 7.07
N HIS B 84 -8.40 14.54 8.37
CA HIS B 84 -8.48 13.27 9.07
C HIS B 84 -8.89 13.55 10.52
N ASP B 85 -9.58 12.62 11.14
CA ASP B 85 -10.11 12.86 12.49
C ASP B 85 -9.04 13.09 13.55
N SER B 86 -7.81 12.69 13.29
CA SER B 86 -6.71 12.91 14.19
C SER B 86 -6.27 14.35 14.29
N MET B 87 -6.69 15.19 13.34
CA MET B 87 -6.30 16.60 13.27
C MET B 87 -7.54 17.52 13.33
N ALA B 88 -7.47 18.58 14.13
CA ALA B 88 -8.58 19.53 14.27
C ALA B 88 -8.91 20.22 12.96
N GLU B 89 -7.86 20.55 12.19
CA GLU B 89 -7.99 21.28 10.94
C GLU B 89 -7.26 20.55 9.84
N PRO B 90 -7.62 20.80 8.60
CA PRO B 90 -6.90 20.17 7.49
C PRO B 90 -5.44 20.54 7.48
N LYS B 91 -4.61 19.61 7.03
CA LYS B 91 -3.18 19.84 6.94
C LYS B 91 -2.77 19.96 5.48
N THR B 92 -2.07 21.03 5.13
CA THR B 92 -1.65 21.30 3.77
C THR B 92 -0.13 21.17 3.71
N VAL B 93 0.33 20.23 2.88
CA VAL B 93 1.76 19.94 2.69
C VAL B 93 2.14 20.30 1.25
N TYR B 94 3.14 21.16 1.13
CA TYR B 94 3.60 21.65 -0.17
C TYR B 94 4.67 20.76 -0.79
N TRP B 95 4.63 20.67 -2.10
CA TRP B 95 5.71 20.05 -2.85
C TRP B 95 6.96 20.89 -2.69
N ASP B 96 8.04 20.24 -2.22
CA ASP B 96 9.34 20.85 -2.09
C ASP B 96 10.22 20.29 -3.20
N ARG B 97 10.31 21.04 -4.27
CA ARG B 97 11.00 20.53 -5.44
C ARG B 97 12.50 20.40 -5.26
N ASP B 98 13.04 20.95 -4.19
CA ASP B 98 14.48 20.93 -3.98
C ASP B 98 14.94 19.89 -2.97
N MET B 99 14.02 19.08 -2.48
CA MET B 99 14.32 18.15 -1.40
C MET B 99 15.36 17.12 -1.85
N GLY C 1 -7.98 -14.13 -8.21
CA GLY C 1 -9.39 -14.16 -7.69
C GLY C 1 -9.35 -14.26 -6.17
N ASN C 2 -10.17 -13.45 -5.51
CA ASN C 2 -10.20 -13.39 -4.02
C ASN C 2 -10.96 -14.58 -3.48
N TYR C 3 -10.84 -14.77 -2.17
CA TYR C 3 -11.60 -15.75 -1.45
C TYR C 3 -13.05 -15.26 -1.27
N SER C 4 -13.97 -16.21 -1.13
CA SER C 4 -15.34 -15.95 -0.75
C SER C 4 -15.43 -16.09 0.77
N PHE C 5 -15.49 -14.95 1.46
CA PHE C 5 -15.50 -14.92 2.92
C PHE C 5 -16.84 -15.33 3.50
N TYR C 6 -16.78 -15.93 4.69
CA TYR C 6 -17.94 -16.27 5.49
C TYR C 6 -17.88 -15.46 6.79
N ALA C 7 -19.04 -15.23 7.37
CA ALA C 7 -19.14 -14.48 8.60
C ALA C 7 -18.31 -15.01 9.75
N LEU C 8 -17.80 -14.08 10.55
CA LEU C 8 -17.09 -14.39 11.79
C LEU C 8 -17.99 -14.53 13.04
#